data_1FKW
#
_entry.id   1FKW
#
_cell.length_a   102.840
_cell.length_b   94.180
_cell.length_c   73.240
_cell.angle_alpha   90.00
_cell.angle_beta   127.37
_cell.angle_gamma   90.00
#
_symmetry.space_group_name_H-M   'C 1 2 1'
#
loop_
_entity.id
_entity.type
_entity.pdbx_description
1 polymer 'ADENOSINE DEAMINASE'
2 non-polymer 'ZINC ION'
3 non-polymer 'PURINE RIBOSIDE'
4 water water
#
_entity_poly.entity_id   1
_entity_poly.type   'polypeptide(L)'
_entity_poly.pdbx_seq_one_letter_code
;TPAFNKPKVELHVHLDGAIKPETILYFGKKRGIALPADTVEELRNIIGMDKPLSLPGFLAKFDYYMPVIAGCREAIKRIA
YEFVEMKAKEGVVYVEVRYSPHLLANSKVDPMPWNQTEGDVTPDDVVDLVNQGLQEGEQAFGIKVRSILCCMRHQPSWSL
EVLELCKKYNQKTVVAMDLAGDETIEGSSLFPGHVEAYEGAVKNGIHRTVHAGEVGSPEVVREAVDILKTERVGHGYHTI
EDEALYNRLLKENMHFEVCPWSSYLTGAWDPKTTHAVVRFKNDKANYSLNTEDPLIFKSTLDTDYQMTKKDMGFTEEEFK
RLNINAAKSSFLPEEEKKELLERLYREYQ
;
_entity_poly.pdbx_strand_id   A
#
loop_
_chem_comp.id
_chem_comp.type
_chem_comp.name
_chem_comp.formula
PUR non-polymer 'PURINE RIBOSIDE' 'C10 H13 N4 O4 1'
ZN non-polymer 'ZINC ION' 'Zn 2'
#
# COMPACT_ATOMS: atom_id res chain seq x y z
N THR A 1 23.38 -9.60 6.05
CA THR A 1 22.61 -10.83 6.40
C THR A 1 21.10 -10.57 6.39
N PRO A 2 20.45 -10.70 5.23
CA PRO A 2 19.01 -10.47 5.15
C PRO A 2 18.27 -11.54 5.96
N ALA A 3 17.15 -11.16 6.56
CA ALA A 3 16.37 -12.10 7.34
C ALA A 3 15.81 -13.23 6.49
N PHE A 4 15.50 -12.93 5.23
CA PHE A 4 14.96 -13.93 4.31
C PHE A 4 15.50 -13.61 2.94
N ASN A 5 16.62 -14.23 2.64
CA ASN A 5 17.34 -14.04 1.40
C ASN A 5 16.76 -14.91 0.28
N LYS A 6 15.45 -14.76 0.03
CA LYS A 6 14.77 -15.52 -1.02
C LYS A 6 13.69 -14.66 -1.62
N PRO A 7 13.15 -15.04 -2.80
CA PRO A 7 12.11 -14.29 -3.50
C PRO A 7 10.95 -13.95 -2.56
N LYS A 8 10.37 -12.77 -2.71
CA LYS A 8 9.26 -12.36 -1.86
C LYS A 8 8.14 -11.75 -2.69
N VAL A 9 6.98 -11.62 -2.06
CA VAL A 9 5.79 -11.03 -2.69
C VAL A 9 5.31 -9.90 -1.75
N GLU A 10 5.07 -8.73 -2.31
CA GLU A 10 4.59 -7.61 -1.53
C GLU A 10 3.26 -7.13 -2.09
N LEU A 11 2.28 -7.07 -1.21
CA LEU A 11 0.91 -6.66 -1.55
C LEU A 11 0.50 -5.28 -1.00
N HIS A 12 1.31 -4.73 -0.11
CA HIS A 12 0.97 -3.46 0.54
C HIS A 12 2.02 -2.37 0.65
N VAL A 13 2.09 -1.51 -0.35
CA VAL A 13 3.06 -0.43 -0.32
C VAL A 13 2.52 0.70 -1.19
N HIS A 14 2.63 1.94 -0.71
CA HIS A 14 2.12 3.09 -1.47
C HIS A 14 3.22 3.70 -2.31
N LEU A 15 2.94 4.00 -3.57
CA LEU A 15 3.95 4.56 -4.46
C LEU A 15 4.45 5.89 -3.92
N ASP A 16 3.51 6.76 -3.50
CA ASP A 16 3.86 8.08 -2.97
C ASP A 16 4.52 8.03 -1.59
N GLY A 17 4.68 6.83 -1.04
CA GLY A 17 5.35 6.65 0.23
C GLY A 17 6.63 5.86 0.00
N ALA A 18 7.01 5.67 -1.25
CA ALA A 18 8.23 4.91 -1.59
C ALA A 18 8.99 5.66 -2.65
N ILE A 19 9.36 6.90 -2.33
CA ILE A 19 10.09 7.74 -3.26
C ILE A 19 11.45 7.98 -2.65
N LYS A 20 12.44 8.21 -3.50
CA LYS A 20 13.81 8.45 -3.06
C LYS A 20 14.01 9.91 -2.66
N PRO A 21 14.66 10.16 -1.52
CA PRO A 21 14.88 11.54 -1.10
C PRO A 21 15.56 12.31 -2.23
N GLU A 22 16.42 11.63 -2.98
CA GLU A 22 17.15 12.21 -4.10
C GLU A 22 16.27 12.72 -5.22
N THR A 23 15.23 11.97 -5.54
CA THR A 23 14.31 12.36 -6.62
C THR A 23 13.41 13.51 -6.17
N ILE A 24 13.13 13.54 -4.87
CA ILE A 24 12.29 14.57 -4.24
C ILE A 24 13.09 15.87 -4.31
N LEU A 25 14.37 15.77 -3.94
CA LEU A 25 15.27 16.90 -3.96
C LEU A 25 15.44 17.43 -5.38
N TYR A 26 15.59 16.54 -6.35
CA TYR A 26 15.75 16.93 -7.74
C TYR A 26 14.58 17.77 -8.22
N PHE A 27 13.35 17.29 -8.07
CA PHE A 27 12.21 18.08 -8.55
C PHE A 27 11.88 19.30 -7.71
N GLY A 28 12.33 19.32 -6.45
CA GLY A 28 12.05 20.49 -5.62
C GLY A 28 12.77 21.67 -6.25
N LYS A 29 14.06 21.47 -6.50
CA LYS A 29 14.89 22.49 -7.12
C LYS A 29 14.48 22.74 -8.57
N LYS A 30 14.26 21.67 -9.32
CA LYS A 30 13.86 21.82 -10.72
C LYS A 30 12.60 22.64 -10.93
N ARG A 31 11.65 22.57 -9.99
CA ARG A 31 10.40 23.32 -10.14
C ARG A 31 10.40 24.53 -9.25
N GLY A 32 11.37 24.63 -8.35
CA GLY A 32 11.42 25.77 -7.47
C GLY A 32 10.26 25.72 -6.48
N ILE A 33 10.10 24.56 -5.88
CA ILE A 33 9.06 24.34 -4.89
C ILE A 33 9.87 24.06 -3.66
N ALA A 34 9.43 24.59 -2.52
CA ALA A 34 10.23 24.41 -1.31
C ALA A 34 10.08 23.09 -0.57
N LEU A 35 11.20 22.62 -0.03
CA LEU A 35 11.22 21.40 0.77
C LEU A 35 11.65 21.85 2.16
N PRO A 36 11.41 21.02 3.18
CA PRO A 36 11.82 21.42 4.52
C PRO A 36 13.31 21.28 4.76
N ALA A 37 14.05 20.82 3.77
CA ALA A 37 15.50 20.64 3.92
C ALA A 37 16.12 20.54 2.56
N ASP A 38 17.43 20.77 2.46
CA ASP A 38 18.10 20.75 1.15
C ASP A 38 19.24 19.76 1.02
N THR A 39 19.18 18.71 1.83
CA THR A 39 20.17 17.67 1.87
C THR A 39 19.39 16.38 2.04
N VAL A 40 19.75 15.31 1.33
CA VAL A 40 18.98 14.08 1.45
C VAL A 40 18.92 13.60 2.90
N GLU A 41 20.01 13.79 3.63
CA GLU A 41 20.05 13.39 5.04
C GLU A 41 19.10 14.20 5.90
N GLU A 42 19.09 15.52 5.74
CA GLU A 42 18.18 16.31 6.55
C GLU A 42 16.76 16.18 6.02
N LEU A 43 16.64 15.93 4.71
CA LEU A 43 15.33 15.77 4.13
C LEU A 43 14.73 14.47 4.67
N ARG A 44 15.59 13.48 4.84
CA ARG A 44 15.20 12.17 5.33
C ARG A 44 14.88 12.18 6.83
N ASN A 45 15.42 13.15 7.57
CA ASN A 45 15.14 13.25 9.01
C ASN A 45 13.88 14.05 9.29
N ILE A 46 13.51 14.92 8.35
CA ILE A 46 12.29 15.71 8.46
C ILE A 46 11.11 14.82 8.00
N ILE A 47 11.19 14.25 6.79
CA ILE A 47 10.13 13.39 6.26
C ILE A 47 9.98 12.08 7.04
N GLY A 48 11.10 11.43 7.35
CA GLY A 48 11.11 10.17 8.08
C GLY A 48 10.70 10.25 9.54
N MET A 49 10.37 9.11 10.12
CA MET A 49 9.94 9.02 11.51
C MET A 49 10.85 8.19 12.39
N ASP A 50 11.17 8.71 13.57
CA ASP A 50 12.03 8.01 14.53
C ASP A 50 11.21 7.38 15.65
N LYS A 51 10.12 8.05 16.00
CA LYS A 51 9.28 7.59 17.08
C LYS A 51 7.85 7.55 16.64
N PRO A 52 7.01 6.80 17.35
CA PRO A 52 5.60 6.68 17.03
C PRO A 52 4.90 8.02 17.01
N LEU A 53 4.04 8.20 16.02
CA LEU A 53 3.21 9.38 15.91
C LEU A 53 1.78 8.82 15.93
N SER A 54 0.81 9.62 15.55
CA SER A 54 -0.54 9.12 15.46
C SER A 54 -0.78 8.90 13.97
N LEU A 55 -1.92 8.33 13.59
CA LEU A 55 -2.17 8.13 12.17
C LEU A 55 -2.30 9.49 11.46
N PRO A 56 -3.04 10.46 12.06
CA PRO A 56 -3.18 11.77 11.42
C PRO A 56 -1.84 12.53 11.39
N GLY A 57 -1.02 12.33 12.40
CA GLY A 57 0.26 13.00 12.45
C GLY A 57 1.24 12.48 11.43
N PHE A 58 1.29 11.16 11.29
CA PHE A 58 2.16 10.50 10.32
C PHE A 58 1.69 10.89 8.89
N LEU A 59 0.39 10.88 8.69
CA LEU A 59 -0.17 11.20 7.40
C LEU A 59 0.25 12.59 6.89
N ALA A 60 0.63 13.47 7.80
CA ALA A 60 1.08 14.84 7.47
C ALA A 60 2.45 14.90 6.83
N LYS A 61 3.27 13.88 7.03
CA LYS A 61 4.59 13.88 6.43
C LYS A 61 4.50 14.04 4.91
N PHE A 62 3.39 13.66 4.29
CA PHE A 62 3.25 13.78 2.83
C PHE A 62 3.18 15.21 2.36
N ASP A 63 2.71 16.09 3.24
CA ASP A 63 2.56 17.52 2.94
C ASP A 63 3.89 18.11 2.51
N TYR A 64 4.98 17.60 3.07
CA TYR A 64 6.32 18.09 2.74
C TYR A 64 6.76 17.93 1.29
N TYR A 65 6.49 16.78 0.69
CA TYR A 65 6.96 16.52 -0.67
C TYR A 65 5.96 16.29 -1.78
N MET A 66 4.76 15.84 -1.46
CA MET A 66 3.78 15.59 -2.51
C MET A 66 3.69 16.75 -3.49
N PRO A 67 3.77 18.00 -3.00
CA PRO A 67 3.66 19.09 -3.99
C PRO A 67 4.74 19.11 -5.07
N VAL A 68 5.89 18.56 -4.72
CA VAL A 68 7.03 18.49 -5.62
C VAL A 68 6.85 17.53 -6.80
N ILE A 69 6.08 16.46 -6.58
CA ILE A 69 5.77 15.42 -7.58
C ILE A 69 4.47 15.69 -8.34
N ALA A 70 3.40 15.97 -7.60
CA ALA A 70 2.09 16.24 -8.18
C ALA A 70 2.16 17.24 -9.33
N GLY A 71 1.38 16.99 -10.37
CA GLY A 71 1.38 17.87 -11.50
C GLY A 71 2.53 17.71 -12.48
N CYS A 72 3.61 16.99 -12.15
CA CYS A 72 4.71 16.83 -13.11
C CYS A 72 4.74 15.42 -13.73
N ARG A 73 4.44 15.37 -15.03
CA ARG A 73 4.45 14.11 -15.79
C ARG A 73 5.78 13.35 -15.69
N GLU A 74 6.87 14.06 -15.90
CA GLU A 74 8.20 13.48 -15.82
C GLU A 74 8.44 12.86 -14.45
N ALA A 75 7.98 13.52 -13.39
CA ALA A 75 8.17 13.04 -12.04
C ALA A 75 7.31 11.81 -11.75
N ILE A 76 6.01 11.92 -12.05
CA ILE A 76 5.07 10.82 -11.87
C ILE A 76 5.61 9.55 -12.55
N LYS A 77 5.99 9.66 -13.81
CA LYS A 77 6.53 8.52 -14.54
C LYS A 77 7.83 8.00 -13.93
N ARG A 78 8.71 8.91 -13.56
CA ARG A 78 9.99 8.55 -12.95
C ARG A 78 9.86 7.81 -11.63
N ILE A 79 9.02 8.31 -10.71
CA ILE A 79 8.88 7.63 -9.42
C ILE A 79 8.33 6.20 -9.62
N ALA A 80 7.51 6.02 -10.66
CA ALA A 80 6.96 4.72 -10.98
C ALA A 80 8.12 3.80 -11.43
N TYR A 81 8.94 4.28 -12.37
CA TYR A 81 10.07 3.49 -12.83
C TYR A 81 11.03 3.16 -11.69
N GLU A 82 11.38 4.14 -10.87
CA GLU A 82 12.32 3.89 -9.77
C GLU A 82 11.76 2.99 -8.67
N PHE A 83 10.44 2.86 -8.61
CA PHE A 83 9.83 2.02 -7.60
C PHE A 83 10.17 0.56 -7.92
N VAL A 84 10.01 0.21 -9.19
CA VAL A 84 10.29 -1.15 -9.65
C VAL A 84 11.73 -1.51 -9.33
N GLU A 85 12.63 -0.57 -9.61
CA GLU A 85 14.03 -0.77 -9.35
C GLU A 85 14.30 -1.04 -7.88
N MET A 86 13.65 -0.31 -6.99
CA MET A 86 13.83 -0.50 -5.55
C MET A 86 13.39 -1.90 -5.14
N LYS A 87 12.19 -2.26 -5.57
CA LYS A 87 11.64 -3.57 -5.25
C LYS A 87 12.49 -4.71 -5.82
N ALA A 88 13.00 -4.53 -7.04
CA ALA A 88 13.86 -5.53 -7.66
C ALA A 88 15.04 -5.82 -6.72
N LYS A 89 15.70 -4.77 -6.22
CA LYS A 89 16.84 -4.95 -5.32
C LYS A 89 16.52 -5.63 -3.99
N GLU A 90 15.30 -5.44 -3.49
CA GLU A 90 14.91 -6.06 -2.23
C GLU A 90 14.62 -7.56 -2.40
N GLY A 91 14.63 -8.04 -3.64
CA GLY A 91 14.38 -9.43 -3.95
C GLY A 91 12.90 -9.77 -3.98
N VAL A 92 12.09 -8.84 -4.49
CA VAL A 92 10.66 -9.03 -4.58
C VAL A 92 10.36 -9.38 -6.02
N VAL A 93 9.72 -10.52 -6.24
CA VAL A 93 9.39 -10.97 -7.60
C VAL A 93 8.03 -10.50 -8.12
N TYR A 94 7.11 -10.20 -7.20
CA TYR A 94 5.78 -9.68 -7.56
C TYR A 94 5.35 -8.65 -6.51
N VAL A 95 4.85 -7.51 -6.98
CA VAL A 95 4.39 -6.42 -6.10
C VAL A 95 3.11 -5.80 -6.60
N GLU A 96 2.30 -5.35 -5.67
CA GLU A 96 1.11 -4.61 -6.04
C GLU A 96 1.37 -3.26 -5.36
N VAL A 97 1.49 -2.20 -6.16
CA VAL A 97 1.76 -0.84 -5.67
C VAL A 97 0.45 -0.11 -5.62
N ARG A 98 0.24 0.71 -4.58
CA ARG A 98 -1.02 1.47 -4.51
C ARG A 98 -0.78 2.97 -4.39
N TYR A 99 -1.74 3.75 -4.86
CA TYR A 99 -1.62 5.20 -4.76
C TYR A 99 -2.95 5.86 -5.12
N SER A 100 -3.07 7.13 -4.80
CA SER A 100 -4.26 7.85 -5.15
C SER A 100 -4.00 8.66 -6.41
N PRO A 101 -4.65 8.32 -7.52
CA PRO A 101 -4.40 9.11 -8.74
C PRO A 101 -4.79 10.60 -8.55
N HIS A 102 -5.85 10.86 -7.78
CA HIS A 102 -6.28 12.24 -7.54
C HIS A 102 -5.25 13.12 -6.86
N LEU A 103 -4.57 12.62 -5.84
CA LEU A 103 -3.57 13.44 -5.15
C LEU A 103 -2.34 13.76 -5.98
N LEU A 104 -2.29 13.30 -7.22
CA LEU A 104 -1.11 13.60 -8.05
C LEU A 104 -1.46 14.41 -9.28
N ALA A 105 -2.76 14.60 -9.51
CA ALA A 105 -3.25 15.38 -10.63
C ALA A 105 -3.29 16.87 -10.28
N ASN A 106 -3.44 17.72 -11.30
CA ASN A 106 -3.53 19.16 -11.09
C ASN A 106 -4.57 19.73 -12.05
N SER A 107 -5.45 18.86 -12.53
CA SER A 107 -6.50 19.27 -13.44
C SER A 107 -7.66 18.33 -13.22
N LYS A 108 -8.87 18.84 -13.35
CA LYS A 108 -10.12 18.07 -13.17
C LYS A 108 -10.19 17.29 -11.87
N VAL A 109 -9.85 17.98 -10.79
CA VAL A 109 -9.89 17.41 -9.45
C VAL A 109 -10.41 18.53 -8.56
N ASP A 110 -11.40 18.22 -7.75
CA ASP A 110 -11.95 19.21 -6.84
C ASP A 110 -12.17 18.46 -5.56
N PRO A 111 -11.60 18.92 -4.46
CA PRO A 111 -10.77 20.12 -4.34
C PRO A 111 -9.39 19.90 -4.93
N MET A 112 -8.79 20.98 -5.41
CA MET A 112 -7.45 20.93 -6.00
C MET A 112 -6.47 20.62 -4.87
N PRO A 113 -5.77 19.48 -4.96
CA PRO A 113 -4.83 19.18 -3.88
C PRO A 113 -3.56 20.04 -3.95
N TRP A 114 -2.92 20.18 -2.80
CA TRP A 114 -1.66 20.94 -2.67
C TRP A 114 -1.64 22.40 -3.17
N ASN A 115 -2.79 23.04 -3.24
CA ASN A 115 -2.85 24.43 -3.70
C ASN A 115 -2.19 24.60 -5.04
N GLN A 116 -2.24 23.57 -5.88
CA GLN A 116 -1.65 23.68 -7.19
C GLN A 116 -2.49 24.58 -8.07
N THR A 117 -1.87 25.01 -9.16
CA THR A 117 -2.50 25.88 -10.14
C THR A 117 -2.95 24.94 -11.26
N GLU A 118 -4.17 25.14 -11.78
CA GLU A 118 -4.69 24.30 -12.85
C GLU A 118 -3.61 23.97 -13.88
N GLY A 119 -3.55 22.71 -14.28
CA GLY A 119 -2.57 22.29 -15.27
C GLY A 119 -3.25 21.36 -16.25
N ASP A 120 -2.53 20.34 -16.69
CA ASP A 120 -3.14 19.39 -17.62
C ASP A 120 -3.00 17.95 -17.17
N VAL A 121 -2.40 17.72 -16.01
CA VAL A 121 -2.27 16.37 -15.52
C VAL A 121 -3.53 15.97 -14.80
N THR A 122 -4.39 15.33 -15.58
CA THR A 122 -5.68 14.82 -15.16
C THR A 122 -5.54 13.50 -14.36
N PRO A 123 -6.57 13.14 -13.58
CA PRO A 123 -6.47 11.88 -12.82
C PRO A 123 -6.24 10.66 -13.72
N ASP A 124 -6.87 10.68 -14.89
CA ASP A 124 -6.72 9.61 -15.87
C ASP A 124 -5.27 9.59 -16.35
N ASP A 125 -4.72 10.77 -16.60
CA ASP A 125 -3.34 10.91 -17.06
C ASP A 125 -2.37 10.41 -16.05
N VAL A 126 -2.64 10.59 -14.76
CA VAL A 126 -1.65 10.09 -13.82
C VAL A 126 -1.63 8.55 -13.83
N VAL A 127 -2.79 7.91 -14.00
CA VAL A 127 -2.85 6.45 -14.05
C VAL A 127 -2.02 5.96 -15.23
N ASP A 128 -2.21 6.56 -16.40
CA ASP A 128 -1.45 6.18 -17.60
C ASP A 128 0.07 6.35 -17.40
N LEU A 129 0.47 7.48 -16.82
CA LEU A 129 1.88 7.76 -16.54
C LEU A 129 2.51 6.72 -15.61
N VAL A 130 1.80 6.36 -14.56
CA VAL A 130 2.32 5.36 -13.63
C VAL A 130 2.43 4.01 -14.35
N ASN A 131 1.42 3.69 -15.16
CA ASN A 131 1.43 2.44 -15.92
C ASN A 131 2.70 2.38 -16.71
N GLN A 132 2.94 3.39 -17.53
CA GLN A 132 4.17 3.48 -18.36
C GLN A 132 5.46 3.34 -17.59
N GLY A 133 5.54 3.98 -16.44
CA GLY A 133 6.76 3.90 -15.68
C GLY A 133 6.89 2.51 -15.11
N LEU A 134 5.76 1.91 -14.73
CA LEU A 134 5.76 0.57 -14.14
C LEU A 134 6.20 -0.47 -15.15
N GLN A 135 5.63 -0.39 -16.35
CA GLN A 135 5.95 -1.30 -17.44
C GLN A 135 7.43 -1.20 -17.85
N GLU A 136 7.93 0.03 -18.03
CA GLU A 136 9.33 0.23 -18.40
C GLU A 136 10.22 -0.42 -17.38
N GLY A 137 9.86 -0.26 -16.11
CA GLY A 137 10.63 -0.87 -15.04
C GLY A 137 10.57 -2.38 -15.08
N GLU A 138 9.41 -2.96 -15.40
CA GLU A 138 9.28 -4.42 -15.47
C GLU A 138 10.23 -4.97 -16.53
N GLN A 139 10.23 -4.36 -17.72
CA GLN A 139 11.10 -4.78 -18.81
C GLN A 139 12.56 -4.72 -18.40
N ALA A 140 12.91 -3.67 -17.67
CA ALA A 140 14.28 -3.42 -17.24
C ALA A 140 14.81 -4.17 -16.04
N PHE A 141 13.95 -4.54 -15.10
CA PHE A 141 14.46 -5.24 -13.94
C PHE A 141 13.95 -6.63 -13.83
N GLY A 142 12.97 -6.96 -14.65
CA GLY A 142 12.41 -8.30 -14.62
C GLY A 142 11.53 -8.75 -13.46
N ILE A 143 10.79 -7.85 -12.82
CA ILE A 143 9.87 -8.27 -11.76
C ILE A 143 8.47 -7.95 -12.28
N LYS A 144 7.47 -8.59 -11.72
CA LYS A 144 6.12 -8.30 -12.19
C LYS A 144 5.51 -7.30 -11.19
N VAL A 145 4.90 -6.25 -11.71
CA VAL A 145 4.32 -5.22 -10.86
C VAL A 145 2.90 -4.91 -11.30
N ARG A 146 2.00 -4.70 -10.35
CA ARG A 146 0.63 -4.33 -10.69
C ARG A 146 0.19 -3.21 -9.76
N SER A 147 -0.88 -2.52 -10.11
CA SER A 147 -1.32 -1.43 -9.28
C SER A 147 -2.71 -1.47 -8.70
N ILE A 148 -2.87 -0.74 -7.61
CA ILE A 148 -4.12 -0.61 -6.91
C ILE A 148 -4.36 0.89 -6.76
N LEU A 149 -5.58 1.34 -7.08
CA LEU A 149 -5.98 2.74 -6.98
C LEU A 149 -6.74 2.99 -5.68
N CYS A 150 -6.31 4.00 -4.93
CA CYS A 150 -6.92 4.34 -3.65
C CYS A 150 -8.02 5.38 -3.61
N CYS A 151 -9.01 5.09 -2.78
CA CYS A 151 -10.13 5.99 -2.50
C CYS A 151 -9.65 6.64 -1.19
N MET A 152 -9.96 7.90 -0.99
CA MET A 152 -9.52 8.55 0.25
C MET A 152 -10.71 8.66 1.14
N ARG A 153 -10.54 8.23 2.39
CA ARG A 153 -11.63 8.28 3.37
C ARG A 153 -12.32 9.63 3.49
N HIS A 154 -11.56 10.72 3.61
CA HIS A 154 -12.15 12.05 3.71
C HIS A 154 -12.74 12.61 2.43
N GLN A 155 -12.49 11.97 1.29
CA GLN A 155 -13.00 12.46 0.00
C GLN A 155 -13.80 11.47 -0.82
N PRO A 156 -14.98 11.12 -0.37
CA PRO A 156 -15.80 10.15 -1.09
C PRO A 156 -16.35 10.57 -2.44
N SER A 157 -16.15 11.82 -2.84
CA SER A 157 -16.67 12.25 -4.13
C SER A 157 -15.76 11.74 -5.23
N TRP A 158 -14.53 11.41 -4.86
CA TRP A 158 -13.53 10.91 -5.80
C TRP A 158 -13.73 9.44 -6.10
N SER A 159 -14.29 8.71 -5.13
CA SER A 159 -14.54 7.27 -5.23
C SER A 159 -15.11 6.64 -6.50
N LEU A 160 -16.19 7.19 -7.05
CA LEU A 160 -16.73 6.59 -8.26
C LEU A 160 -15.78 6.77 -9.46
N GLU A 161 -14.95 7.81 -9.45
CA GLU A 161 -14.01 8.02 -10.55
C GLU A 161 -12.91 6.98 -10.43
N VAL A 162 -12.47 6.73 -9.20
CA VAL A 162 -11.45 5.71 -8.97
C VAL A 162 -12.00 4.39 -9.53
N LEU A 163 -13.27 4.09 -9.27
CA LEU A 163 -13.86 2.87 -9.80
C LEU A 163 -13.79 2.85 -11.31
N GLU A 164 -14.11 3.98 -11.93
CA GLU A 164 -14.08 4.05 -13.39
C GLU A 164 -12.68 3.91 -13.91
N LEU A 165 -11.71 4.40 -13.14
CA LEU A 165 -10.33 4.30 -13.56
C LEU A 165 -9.90 2.83 -13.52
N CYS A 166 -10.36 2.10 -12.51
CA CYS A 166 -10.06 0.67 -12.38
C CYS A 166 -10.67 -0.11 -13.54
N LYS A 167 -11.88 0.28 -13.94
CA LYS A 167 -12.55 -0.38 -15.04
C LYS A 167 -11.78 -0.17 -16.33
N LYS A 168 -11.40 1.08 -16.59
CA LYS A 168 -10.65 1.42 -17.80
C LYS A 168 -9.28 0.77 -17.86
N TYR A 169 -8.50 0.87 -16.80
CA TYR A 169 -7.17 0.31 -16.79
C TYR A 169 -7.11 -1.06 -16.17
N ASN A 170 -8.16 -1.84 -16.40
CA ASN A 170 -8.28 -3.18 -15.86
C ASN A 170 -7.17 -4.08 -16.43
N GLN A 171 -6.30 -4.53 -15.53
CA GLN A 171 -5.16 -5.40 -15.89
C GLN A 171 -4.02 -4.67 -16.62
N LYS A 172 -4.28 -3.42 -17.03
CA LYS A 172 -3.29 -2.55 -17.69
C LYS A 172 -2.65 -1.98 -16.44
N THR A 173 -2.09 -2.92 -15.69
CA THR A 173 -1.47 -2.76 -14.40
C THR A 173 -2.56 -2.72 -13.32
N VAL A 174 -3.67 -2.01 -13.58
CA VAL A 174 -4.68 -1.90 -12.51
C VAL A 174 -5.44 -3.15 -12.14
N VAL A 175 -5.22 -3.62 -10.92
CA VAL A 175 -5.87 -4.83 -10.45
C VAL A 175 -6.86 -4.72 -9.30
N ALA A 176 -6.90 -3.60 -8.58
CA ALA A 176 -7.84 -3.50 -7.47
C ALA A 176 -8.11 -2.08 -7.04
N MET A 177 -9.03 -1.93 -6.09
CA MET A 177 -9.41 -0.66 -5.52
C MET A 177 -9.18 -0.75 -4.02
N ASP A 178 -8.67 0.33 -3.43
CA ASP A 178 -8.38 0.36 -1.97
C ASP A 178 -9.11 1.55 -1.32
N LEU A 179 -9.22 1.55 0.01
CA LEU A 179 -9.83 2.65 0.75
C LEU A 179 -8.75 2.97 1.76
N ALA A 180 -8.03 4.05 1.49
CA ALA A 180 -6.94 4.49 2.35
C ALA A 180 -7.29 5.80 3.02
N GLY A 181 -6.37 6.32 3.83
CA GLY A 181 -6.61 7.60 4.47
C GLY A 181 -6.76 7.57 5.96
N ASP A 182 -7.44 8.57 6.49
CA ASP A 182 -7.57 8.68 7.93
C ASP A 182 -8.64 7.78 8.50
N GLU A 183 -8.24 6.66 9.06
CA GLU A 183 -9.16 5.69 9.63
C GLU A 183 -10.01 6.23 10.76
N THR A 184 -9.54 7.27 11.44
CA THR A 184 -10.25 7.84 12.60
C THR A 184 -11.45 8.73 12.26
N ILE A 185 -11.66 9.04 11.00
CA ILE A 185 -12.77 9.85 10.59
C ILE A 185 -13.98 8.96 10.79
N GLU A 186 -14.63 9.16 11.93
CA GLU A 186 -15.82 8.43 12.34
C GLU A 186 -16.82 8.22 11.19
N GLY A 187 -17.16 6.96 10.95
CA GLY A 187 -18.10 6.58 9.91
C GLY A 187 -17.67 6.72 8.47
N SER A 188 -16.37 6.95 8.24
CA SER A 188 -15.86 7.14 6.88
C SER A 188 -16.00 5.93 6.00
N SER A 189 -16.08 4.75 6.61
CA SER A 189 -16.23 3.52 5.84
C SER A 189 -17.61 3.51 5.23
N LEU A 190 -18.54 4.21 5.85
CA LEU A 190 -19.92 4.23 5.41
C LEU A 190 -20.40 5.40 4.55
N PHE A 191 -19.52 6.30 4.11
CA PHE A 191 -19.96 7.43 3.29
C PHE A 191 -20.55 6.88 1.99
N PRO A 192 -21.69 7.42 1.54
CA PRO A 192 -22.30 6.91 0.31
C PRO A 192 -21.38 6.68 -0.89
N GLY A 193 -20.54 7.65 -1.21
CA GLY A 193 -19.62 7.52 -2.33
C GLY A 193 -18.70 6.30 -2.22
N HIS A 194 -18.26 5.99 -1.01
CA HIS A 194 -17.36 4.84 -0.81
C HIS A 194 -18.14 3.57 -0.98
N VAL A 195 -19.31 3.51 -0.34
CA VAL A 195 -20.19 2.36 -0.41
C VAL A 195 -20.59 2.09 -1.86
N GLU A 196 -21.02 3.12 -2.57
CA GLU A 196 -21.42 2.97 -3.96
C GLU A 196 -20.29 2.56 -4.89
N ALA A 197 -19.07 3.02 -4.62
CA ALA A 197 -17.92 2.66 -5.44
C ALA A 197 -17.65 1.18 -5.24
N TYR A 198 -17.73 0.71 -4.01
CA TYR A 198 -17.51 -0.71 -3.70
C TYR A 198 -18.62 -1.63 -4.20
N GLU A 199 -19.86 -1.15 -4.17
CA GLU A 199 -21.00 -1.93 -4.69
C GLU A 199 -20.72 -2.10 -6.19
N GLY A 200 -20.28 -1.03 -6.83
CA GLY A 200 -19.95 -1.09 -8.25
C GLY A 200 -18.76 -1.97 -8.52
N ALA A 201 -17.80 -2.01 -7.61
CA ALA A 201 -16.63 -2.85 -7.84
C ALA A 201 -17.08 -4.27 -7.83
N VAL A 202 -17.95 -4.62 -6.89
CA VAL A 202 -18.45 -5.98 -6.80
C VAL A 202 -19.17 -6.40 -8.08
N LYS A 203 -20.12 -5.59 -8.53
CA LYS A 203 -20.87 -5.92 -9.74
C LYS A 203 -20.03 -5.92 -11.02
N ASN A 204 -18.93 -5.18 -11.03
CA ASN A 204 -18.08 -5.13 -12.23
C ASN A 204 -16.84 -6.02 -12.16
N GLY A 205 -16.75 -6.82 -11.11
CA GLY A 205 -15.59 -7.72 -10.96
C GLY A 205 -14.25 -7.11 -10.54
N ILE A 206 -14.26 -5.86 -10.11
CA ILE A 206 -13.04 -5.18 -9.69
C ILE A 206 -12.66 -5.62 -8.27
N HIS A 207 -11.43 -6.07 -8.13
CA HIS A 207 -10.95 -6.51 -6.83
C HIS A 207 -10.97 -5.45 -5.75
N ARG A 208 -11.01 -5.90 -4.51
CA ARG A 208 -11.14 -4.99 -3.39
C ARG A 208 -10.25 -5.26 -2.20
N THR A 209 -9.65 -4.20 -1.68
CA THR A 209 -8.87 -4.28 -0.43
C THR A 209 -9.27 -3.00 0.33
N VAL A 210 -9.20 -3.01 1.66
CA VAL A 210 -9.62 -1.85 2.46
C VAL A 210 -8.75 -1.73 3.66
N HIS A 211 -8.17 -0.55 3.89
CA HIS A 211 -7.34 -0.34 5.09
C HIS A 211 -8.35 -0.37 6.22
N ALA A 212 -8.11 -1.18 7.24
CA ALA A 212 -9.06 -1.26 8.35
C ALA A 212 -8.52 -2.01 9.54
N GLY A 213 -8.83 -1.50 10.74
CA GLY A 213 -8.39 -2.14 11.95
C GLY A 213 -6.96 -1.88 12.35
N GLU A 214 -6.33 -0.85 11.78
CA GLU A 214 -4.96 -0.57 12.22
C GLU A 214 -5.12 0.23 13.50
N VAL A 215 -6.05 1.16 13.44
CA VAL A 215 -6.34 2.05 14.54
C VAL A 215 -7.81 1.95 15.01
N GLY A 216 -8.72 1.62 14.10
CA GLY A 216 -10.12 1.50 14.46
C GLY A 216 -10.44 0.21 15.19
N SER A 217 -11.69 0.05 15.57
CA SER A 217 -12.14 -1.12 16.30
C SER A 217 -12.58 -2.22 15.36
N PRO A 218 -12.93 -3.40 15.91
CA PRO A 218 -13.39 -4.55 15.12
C PRO A 218 -14.55 -4.18 14.19
N GLU A 219 -15.35 -3.22 14.61
CA GLU A 219 -16.49 -2.79 13.83
C GLU A 219 -16.10 -2.23 12.47
N VAL A 220 -14.99 -1.49 12.42
CA VAL A 220 -14.53 -0.89 11.16
C VAL A 220 -14.16 -2.04 10.22
N VAL A 221 -13.55 -3.08 10.77
CA VAL A 221 -13.18 -4.25 9.98
C VAL A 221 -14.47 -4.97 9.54
N ARG A 222 -15.44 -5.06 10.45
CA ARG A 222 -16.71 -5.70 10.16
C ARG A 222 -17.41 -4.99 9.00
N GLU A 223 -17.38 -3.65 9.00
CA GLU A 223 -17.99 -2.87 7.92
C GLU A 223 -17.26 -3.13 6.60
N ALA A 224 -15.92 -3.16 6.66
CA ALA A 224 -15.10 -3.40 5.47
C ALA A 224 -15.45 -4.74 4.83
N VAL A 225 -15.54 -5.77 5.66
CA VAL A 225 -15.85 -7.12 5.21
C VAL A 225 -17.30 -7.31 4.80
N ASP A 226 -18.21 -6.97 5.70
CA ASP A 226 -19.63 -7.15 5.42
C ASP A 226 -20.33 -6.18 4.53
N ILE A 227 -19.99 -4.91 4.63
CA ILE A 227 -20.66 -3.89 3.84
C ILE A 227 -19.89 -3.58 2.58
N LEU A 228 -18.60 -3.31 2.73
CA LEU A 228 -17.76 -2.97 1.57
C LEU A 228 -17.38 -4.21 0.71
N LYS A 229 -17.32 -5.38 1.35
CA LYS A 229 -17.01 -6.63 0.66
C LYS A 229 -15.55 -6.83 0.27
N THR A 230 -14.60 -6.41 1.12
CA THR A 230 -13.20 -6.58 0.78
C THR A 230 -12.87 -8.02 0.64
N GLU A 231 -11.84 -8.26 -0.15
CA GLU A 231 -11.31 -9.58 -0.39
C GLU A 231 -10.11 -9.68 0.52
N ARG A 232 -9.52 -8.52 0.84
CA ARG A 232 -8.39 -8.45 1.78
C ARG A 232 -8.57 -7.28 2.74
N VAL A 233 -7.85 -7.33 3.86
CA VAL A 233 -7.92 -6.30 4.86
C VAL A 233 -6.52 -5.72 5.09
N GLY A 234 -6.36 -4.42 4.85
CA GLY A 234 -5.08 -3.76 5.09
C GLY A 234 -4.92 -3.59 6.59
N HIS A 235 -3.92 -4.24 7.17
CA HIS A 235 -3.67 -4.18 8.61
C HIS A 235 -4.56 -5.15 9.37
N GLY A 236 -5.75 -4.71 9.77
CA GLY A 236 -6.67 -5.57 10.51
C GLY A 236 -6.21 -6.08 11.85
N TYR A 237 -5.28 -5.41 12.52
CA TYR A 237 -4.79 -5.93 13.81
C TYR A 237 -5.80 -6.02 14.91
N HIS A 238 -6.79 -5.13 14.92
CA HIS A 238 -7.77 -5.15 15.98
C HIS A 238 -8.85 -6.18 15.84
N THR A 239 -8.83 -6.92 14.75
CA THR A 239 -9.85 -7.93 14.52
C THR A 239 -9.84 -8.96 15.66
N ILE A 240 -8.68 -9.26 16.21
CA ILE A 240 -8.58 -10.27 17.27
C ILE A 240 -9.32 -9.90 18.53
N GLU A 241 -9.70 -8.63 18.66
CA GLU A 241 -10.45 -8.16 19.83
C GLU A 241 -11.90 -8.65 19.83
N ASP A 242 -12.34 -9.22 18.71
CA ASP A 242 -13.70 -9.73 18.56
C ASP A 242 -13.51 -11.17 18.11
N GLU A 243 -13.30 -12.07 19.08
CA GLU A 243 -13.06 -13.49 18.80
C GLU A 243 -14.02 -14.07 17.78
N ALA A 244 -15.26 -13.62 17.82
CA ALA A 244 -16.26 -14.09 16.87
C ALA A 244 -15.88 -13.73 15.43
N LEU A 245 -15.65 -12.43 15.19
CA LEU A 245 -15.26 -11.91 13.89
C LEU A 245 -13.93 -12.52 13.43
N TYR A 246 -12.96 -12.50 14.32
CA TYR A 246 -11.64 -13.03 14.03
C TYR A 246 -11.76 -14.47 13.58
N ASN A 247 -12.44 -15.29 14.37
CA ASN A 247 -12.57 -16.69 14.01
C ASN A 247 -13.34 -16.90 12.73
N ARG A 248 -14.26 -16.01 12.41
CA ARG A 248 -15.02 -16.15 11.19
C ARG A 248 -14.19 -15.77 9.96
N LEU A 249 -13.38 -14.72 10.10
CA LEU A 249 -12.54 -14.29 8.99
C LEU A 249 -11.48 -15.36 8.79
N LEU A 250 -11.08 -16.01 9.87
CA LEU A 250 -10.09 -17.09 9.83
C LEU A 250 -10.63 -18.27 9.03
N LYS A 251 -11.92 -18.55 9.22
CA LYS A 251 -12.59 -19.63 8.52
C LYS A 251 -12.72 -19.32 7.01
N GLU A 252 -13.07 -18.08 6.68
CA GLU A 252 -13.23 -17.66 5.28
C GLU A 252 -11.86 -17.47 4.61
N ASN A 253 -10.80 -17.59 5.40
CA ASN A 253 -9.42 -17.43 4.95
C ASN A 253 -9.04 -16.02 4.52
N MET A 254 -9.66 -15.03 5.16
CA MET A 254 -9.40 -13.64 4.87
C MET A 254 -7.90 -13.36 4.97
N HIS A 255 -7.40 -12.62 3.99
CA HIS A 255 -6.01 -12.25 3.94
C HIS A 255 -5.77 -10.93 4.66
N PHE A 256 -4.84 -10.90 5.60
CA PHE A 256 -4.50 -9.67 6.30
C PHE A 256 -3.18 -9.15 5.79
N GLU A 257 -3.16 -7.96 5.21
CA GLU A 257 -1.93 -7.35 4.71
C GLU A 257 -1.23 -6.69 5.91
N VAL A 258 -0.31 -7.41 6.53
CA VAL A 258 0.39 -6.93 7.72
C VAL A 258 1.60 -6.09 7.40
N CYS A 259 1.82 -5.05 8.20
CA CYS A 259 2.96 -4.13 8.06
C CYS A 259 3.48 -3.94 9.48
N PRO A 260 4.33 -4.86 9.97
CA PRO A 260 4.87 -4.77 11.33
C PRO A 260 5.43 -3.41 11.79
N TRP A 261 6.49 -2.96 11.13
CA TRP A 261 7.16 -1.71 11.46
C TRP A 261 6.17 -0.55 11.47
N SER A 262 5.37 -0.48 10.43
CA SER A 262 4.37 0.57 10.33
C SER A 262 3.47 0.58 11.57
N SER A 263 3.04 -0.58 12.04
CA SER A 263 2.13 -0.66 13.18
C SER A 263 2.74 -0.05 14.42
N TYR A 264 4.05 -0.17 14.54
CA TYR A 264 4.73 0.40 15.69
C TYR A 264 4.82 1.91 15.56
N LEU A 265 5.30 2.38 14.41
CA LEU A 265 5.49 3.81 14.13
C LEU A 265 4.24 4.67 14.04
N THR A 266 3.12 4.12 13.60
CA THR A 266 1.91 4.91 13.53
C THR A 266 1.21 4.91 14.90
N GLY A 267 1.91 4.39 15.91
CA GLY A 267 1.35 4.30 17.25
C GLY A 267 0.29 3.21 17.38
N ALA A 268 0.00 2.54 16.27
CA ALA A 268 -0.99 1.49 16.23
C ALA A 268 -0.65 0.27 17.10
N TRP A 269 0.60 0.18 17.58
CA TRP A 269 1.03 -0.96 18.38
C TRP A 269 1.87 -0.63 19.62
N ASP A 270 1.41 -1.04 20.79
CA ASP A 270 2.14 -0.84 22.04
C ASP A 270 3.15 -1.97 22.12
N PRO A 271 4.45 -1.67 21.98
CA PRO A 271 5.48 -2.71 22.03
C PRO A 271 5.54 -3.53 23.32
N LYS A 272 4.64 -3.25 24.27
CA LYS A 272 4.58 -4.01 25.51
C LYS A 272 3.70 -5.22 25.25
N THR A 273 2.66 -5.04 24.42
CA THR A 273 1.72 -6.10 24.09
C THR A 273 2.14 -6.97 22.90
N THR A 274 1.73 -8.23 22.93
CA THR A 274 2.05 -9.17 21.85
C THR A 274 1.39 -8.72 20.54
N HIS A 275 2.21 -8.56 19.52
CA HIS A 275 1.73 -8.12 18.21
C HIS A 275 0.72 -9.09 17.59
N ALA A 276 -0.33 -8.54 16.98
CA ALA A 276 -1.37 -9.35 16.34
C ALA A 276 -0.81 -10.35 15.36
N VAL A 277 0.31 -10.03 14.71
CA VAL A 277 0.87 -10.97 13.75
C VAL A 277 1.30 -12.29 14.39
N VAL A 278 1.62 -12.25 15.69
CA VAL A 278 2.01 -13.43 16.41
C VAL A 278 0.79 -14.35 16.50
N ARG A 279 -0.37 -13.78 16.81
CA ARG A 279 -1.59 -14.58 16.88
C ARG A 279 -1.82 -15.20 15.51
N PHE A 280 -1.73 -14.40 14.45
CA PHE A 280 -1.91 -14.86 13.08
C PHE A 280 -0.95 -16.01 12.74
N LYS A 281 0.32 -15.87 13.11
CA LYS A 281 1.28 -16.91 12.83
C LYS A 281 0.88 -18.20 13.50
N ASN A 282 0.63 -18.12 14.80
CA ASN A 282 0.24 -19.29 15.59
C ASN A 282 -1.03 -19.96 15.08
N ASP A 283 -2.00 -19.15 14.69
CA ASP A 283 -3.25 -19.67 14.16
C ASP A 283 -3.15 -20.08 12.69
N LYS A 284 -1.96 -19.90 12.10
CA LYS A 284 -1.78 -20.23 10.69
C LYS A 284 -2.74 -19.43 9.79
N ALA A 285 -2.91 -18.13 10.09
CA ALA A 285 -3.80 -17.25 9.33
C ALA A 285 -3.20 -16.88 7.97
N ASN A 286 -4.05 -16.35 7.10
CA ASN A 286 -3.60 -15.95 5.77
C ASN A 286 -3.15 -14.49 5.86
N TYR A 287 -1.84 -14.26 5.74
CA TYR A 287 -1.32 -12.90 5.84
C TYR A 287 0.00 -12.71 5.11
N SER A 288 0.35 -11.46 4.82
CA SER A 288 1.60 -11.14 4.13
C SER A 288 2.34 -10.11 4.93
N LEU A 289 3.63 -9.97 4.67
CA LEU A 289 4.46 -9.00 5.38
C LEU A 289 4.71 -7.88 4.38
N ASN A 290 4.40 -6.66 4.78
CA ASN A 290 4.54 -5.53 3.88
C ASN A 290 5.23 -4.35 4.50
N THR A 291 5.75 -3.50 3.66
CA THR A 291 6.50 -2.33 4.09
C THR A 291 5.63 -1.07 4.31
N GLU A 292 4.58 -0.97 3.52
CA GLU A 292 3.62 0.13 3.50
C GLU A 292 4.07 1.49 2.97
N ASP A 293 4.98 2.18 3.66
CA ASP A 293 5.51 3.51 3.23
C ASP A 293 7.00 3.51 3.64
N PRO A 294 7.86 2.84 2.86
CA PRO A 294 9.30 2.76 3.17
C PRO A 294 9.99 4.10 3.41
N LEU A 295 9.69 5.10 2.58
CA LEU A 295 10.29 6.43 2.72
C LEU A 295 10.10 7.04 4.09
N ILE A 296 8.86 7.05 4.57
CA ILE A 296 8.54 7.63 5.87
C ILE A 296 9.03 6.83 7.06
N PHE A 297 9.10 5.52 6.94
CA PHE A 297 9.56 4.74 8.08
C PHE A 297 11.07 4.48 8.04
N LYS A 298 11.74 5.09 7.05
CA LYS A 298 13.18 4.96 6.90
C LYS A 298 13.46 3.46 6.92
N SER A 299 12.68 2.70 6.15
CA SER A 299 12.81 1.25 6.14
C SER A 299 12.93 0.57 4.80
N THR A 300 13.06 -0.75 4.88
CA THR A 300 13.22 -1.60 3.72
C THR A 300 12.40 -2.85 4.05
N LEU A 301 12.07 -3.66 3.06
CA LEU A 301 11.29 -4.86 3.28
C LEU A 301 11.97 -5.73 4.33
N ASP A 302 13.29 -5.73 4.31
CA ASP A 302 14.07 -6.51 5.29
C ASP A 302 13.83 -6.01 6.71
N THR A 303 13.48 -4.74 6.85
CA THR A 303 13.20 -4.16 8.17
C THR A 303 12.11 -5.01 8.82
N ASP A 304 11.02 -5.18 8.10
CA ASP A 304 9.90 -5.95 8.60
C ASP A 304 10.23 -7.43 8.85
N TYR A 305 10.97 -8.08 7.95
CA TYR A 305 11.34 -9.47 8.18
C TYR A 305 12.23 -9.61 9.42
N GLN A 306 13.24 -8.74 9.53
CA GLN A 306 14.15 -8.75 10.67
C GLN A 306 13.39 -8.58 11.96
N MET A 307 12.43 -7.67 11.95
CA MET A 307 11.62 -7.38 13.13
C MET A 307 10.85 -8.61 13.60
N THR A 308 10.24 -9.35 12.67
CA THR A 308 9.49 -10.54 13.07
C THR A 308 10.43 -11.67 13.44
N LYS A 309 11.62 -11.65 12.86
CA LYS A 309 12.58 -12.68 13.16
C LYS A 309 13.07 -12.49 14.59
N LYS A 310 13.75 -11.37 14.85
CA LYS A 310 14.29 -11.06 16.19
C LYS A 310 13.25 -11.21 17.28
N ASP A 311 12.24 -10.36 17.25
CA ASP A 311 11.16 -10.43 18.20
C ASP A 311 10.04 -11.10 17.43
N MET A 312 9.22 -11.89 18.12
CA MET A 312 8.12 -12.62 17.49
C MET A 312 8.56 -13.96 16.95
N GLY A 313 9.86 -14.24 17.05
CA GLY A 313 10.42 -15.50 16.60
C GLY A 313 9.97 -16.20 15.31
N PHE A 314 9.88 -15.46 14.20
CA PHE A 314 9.48 -16.06 12.94
C PHE A 314 10.66 -16.88 12.39
N THR A 315 10.35 -17.88 11.57
CA THR A 315 11.37 -18.75 10.97
C THR A 315 11.29 -18.67 9.47
N GLU A 316 12.25 -19.28 8.79
CA GLU A 316 12.26 -19.28 7.33
C GLU A 316 11.06 -20.08 6.81
N GLU A 317 10.66 -21.07 7.59
CA GLU A 317 9.54 -21.96 7.29
C GLU A 317 8.26 -21.14 7.18
N GLU A 318 8.14 -20.16 8.07
CA GLU A 318 6.99 -19.27 8.10
C GLU A 318 7.13 -18.22 6.99
N PHE A 319 8.33 -17.70 6.79
CA PHE A 319 8.56 -16.71 5.73
C PHE A 319 8.13 -17.26 4.36
N LYS A 320 8.44 -18.54 4.11
CA LYS A 320 8.08 -19.18 2.85
C LYS A 320 6.58 -19.39 2.80
N ARG A 321 5.98 -19.76 3.93
CA ARG A 321 4.55 -20.01 4.02
C ARG A 321 3.73 -18.78 3.74
N LEU A 322 4.05 -17.69 4.44
CA LEU A 322 3.29 -16.47 4.23
C LEU A 322 3.45 -15.89 2.82
N ASN A 323 4.60 -16.11 2.19
CA ASN A 323 4.79 -15.62 0.83
C ASN A 323 3.98 -16.42 -0.21
N ILE A 324 3.68 -17.67 0.11
CA ILE A 324 2.88 -18.53 -0.75
C ILE A 324 1.42 -18.05 -0.63
N ASN A 325 1.01 -17.70 0.59
CA ASN A 325 -0.32 -17.15 0.80
C ASN A 325 -0.50 -15.81 0.13
N ALA A 326 0.56 -15.01 0.11
CA ALA A 326 0.48 -13.70 -0.53
C ALA A 326 0.31 -13.89 -2.03
N ALA A 327 0.95 -14.91 -2.59
CA ALA A 327 0.83 -15.19 -4.02
C ALA A 327 -0.55 -15.74 -4.31
N LYS A 328 -1.05 -16.60 -3.43
CA LYS A 328 -2.40 -17.15 -3.60
C LYS A 328 -3.43 -16.03 -3.45
N SER A 329 -3.17 -15.07 -2.54
CA SER A 329 -4.09 -13.94 -2.31
C SER A 329 -3.90 -12.70 -3.21
N SER A 330 -2.98 -12.74 -4.17
CA SER A 330 -2.73 -11.61 -5.08
C SER A 330 -3.93 -11.42 -5.97
N PHE A 331 -4.00 -10.29 -6.69
CA PHE A 331 -5.14 -10.00 -7.58
C PHE A 331 -4.75 -10.25 -9.03
N LEU A 332 -3.88 -11.22 -9.20
CA LEU A 332 -3.38 -11.58 -10.51
C LEU A 332 -4.39 -12.55 -11.10
N PRO A 333 -4.58 -12.54 -12.41
CA PRO A 333 -5.54 -13.47 -13.00
C PRO A 333 -5.02 -14.90 -12.73
N GLU A 334 -5.90 -15.91 -12.75
CA GLU A 334 -5.52 -17.30 -12.47
C GLU A 334 -4.23 -17.80 -13.12
N GLU A 335 -4.11 -17.66 -14.44
CA GLU A 335 -2.91 -18.12 -15.12
C GLU A 335 -1.65 -17.41 -14.63
N GLU A 336 -1.73 -16.11 -14.39
CA GLU A 336 -0.54 -15.45 -13.91
C GLU A 336 -0.32 -15.87 -12.48
N LYS A 337 -1.39 -16.17 -11.77
CA LYS A 337 -1.24 -16.59 -10.41
C LYS A 337 -0.52 -17.93 -10.34
N LYS A 338 -0.87 -18.87 -11.22
CA LYS A 338 -0.21 -20.19 -11.26
C LYS A 338 1.28 -19.98 -11.53
N GLU A 339 1.61 -19.20 -12.56
CA GLU A 339 3.02 -18.94 -12.89
C GLU A 339 3.84 -18.42 -11.70
N LEU A 340 3.27 -17.49 -10.96
CA LEU A 340 3.92 -16.94 -9.78
C LEU A 340 4.20 -18.07 -8.80
N LEU A 341 3.17 -18.87 -8.50
CA LEU A 341 3.31 -19.99 -7.55
C LEU A 341 4.36 -20.99 -7.95
N GLU A 342 4.40 -21.30 -9.24
CA GLU A 342 5.38 -22.21 -9.79
C GLU A 342 6.75 -21.69 -9.46
N ARG A 343 6.98 -20.41 -9.79
CA ARG A 343 8.23 -19.71 -9.56
C ARG A 343 8.69 -19.79 -8.12
N LEU A 344 7.82 -19.45 -7.19
CA LEU A 344 8.20 -19.51 -5.79
C LEU A 344 8.55 -20.92 -5.31
N TYR A 345 7.72 -21.91 -5.65
CA TYR A 345 8.00 -23.26 -5.19
C TYR A 345 9.37 -23.74 -5.69
N ARG A 346 9.70 -23.35 -6.91
CA ARG A 346 10.97 -23.71 -7.52
C ARG A 346 12.12 -23.10 -6.69
N GLU A 347 12.03 -21.81 -6.44
CA GLU A 347 13.07 -21.12 -5.69
C GLU A 347 13.08 -21.38 -4.19
N TYR A 348 12.01 -21.96 -3.70
CA TYR A 348 11.94 -22.28 -2.27
C TYR A 348 12.43 -23.69 -2.05
N GLN A 349 12.70 -24.39 -3.15
CA GLN A 349 13.15 -25.76 -3.12
C GLN A 349 14.59 -25.84 -2.63
ZN ZN B . -1.43 1.38 3.51
N1 PUR C . -2.60 4.31 6.46
C2 PUR C . -3.61 4.93 5.85
N3 PUR C . -3.44 5.65 4.74
C4 PUR C . -2.19 5.78 4.21
C5 PUR C . -1.13 5.18 4.79
C6 PUR C . -1.31 4.40 5.97
N7 PUR C . -0.04 5.48 4.05
C8 PUR C . -0.42 6.25 3.04
N9 PUR C . -1.74 6.45 3.11
C1' PUR C . -2.50 7.30 2.25
C2' PUR C . -1.64 8.52 1.95
O2' PUR C . -2.36 9.71 2.29
C3' PUR C . -1.19 8.51 0.46
O3' PUR C . -1.29 9.82 -0.13
C4' PUR C . -2.41 7.57 0.02
O4' PUR C . -2.71 6.66 1.02
C5' PUR C . -2.15 6.83 -1.32
O5' PUR C . -0.92 6.08 -1.31
#